data_3ZMB
#
_entry.id   3ZMB
#
_cell.length_a   85.560
_cell.length_b   98.840
_cell.length_c   131.500
_cell.angle_alpha   90.00
_cell.angle_beta   90.00
_cell.angle_gamma   90.00
#
_symmetry.space_group_name_H-M   'C 2 2 21'
#
loop_
_entity.id
_entity.type
_entity.pdbx_description
1 polymer GERANYLTRANSTRANSFERASE
2 non-polymer '3-(2-oxo-1,3-benzoxazol-3(2H)-yl)propanoic acid'
3 non-polymer 'DIMETHYL SULFOXIDE'
4 non-polymer 'CHLORIDE ION'
5 water water
#
_entity_poly.entity_id   1
_entity_poly.type   'polypeptide(L)'
_entity_poly.pdbx_seq_one_letter_code
;SMIAAYQARCQARVDAALDALFVAPREELQRLYEAMRYSVMNGGKRVRPLLAYAACEALGGAPQRADAAACAVELIHAYS
LVHDDLPAMDDDDLRRGQPTTHRAFDEATAILAADGLQALAFEVLADTRRNPQEHAVCLEMLTRLARAAGSAGMVGGQAI
DLGSVGVALDQAALEVMHRHKTGALIEASVRLGALASGRAEPASLAALERYAEAIGLAFQVQDDILDVESDTATLGKTQG
KDQAHNKPTYPALLGLEAAKGYALELRDLALAALDGFPPSADPLRQLARYIVERRN
;
_entity_poly.pdbx_strand_id   A,B
#
loop_
_chem_comp.id
_chem_comp.type
_chem_comp.name
_chem_comp.formula
6H6 non-polymer '3-(2-oxo-1,3-benzoxazol-3(2H)-yl)propanoic acid' 'C10 H9 N O4'
CL non-polymer 'CHLORIDE ION' 'Cl -1'
DMS non-polymer 'DIMETHYL SULFOXIDE' 'C2 H6 O S'
#
# COMPACT_ATOMS: atom_id res chain seq x y z
N SER A 1 20.44 -8.28 31.37
CA SER A 1 19.73 -7.55 30.24
C SER A 1 18.21 -7.43 30.41
N MET A 2 17.65 -6.22 30.27
CA MET A 2 16.21 -5.92 30.31
CA MET A 2 16.18 -6.07 30.30
C MET A 2 15.56 -5.98 28.90
N ILE A 3 16.18 -6.63 27.92
CA ILE A 3 15.56 -6.57 26.55
C ILE A 3 14.14 -7.19 26.56
N ALA A 4 13.91 -8.26 27.33
CA ALA A 4 12.58 -8.81 27.36
C ALA A 4 11.55 -7.77 27.82
N ALA A 5 11.87 -7.02 28.88
CA ALA A 5 10.96 -6.03 29.42
C ALA A 5 10.74 -4.89 28.40
N TYR A 6 11.82 -4.45 27.72
CA TYR A 6 11.73 -3.44 26.65
C TYR A 6 10.81 -3.94 25.55
N GLN A 7 11.01 -5.16 25.13
CA GLN A 7 10.12 -5.74 24.16
C GLN A 7 8.63 -5.75 24.62
N ALA A 8 8.40 -6.16 25.86
CA ALA A 8 7.05 -6.21 26.39
C ALA A 8 6.42 -4.82 26.48
N ARG A 9 7.16 -3.81 26.89
CA ARG A 9 6.67 -2.45 26.88
C ARG A 9 6.32 -1.95 25.41
N CYS A 10 7.23 -2.19 24.46
CA CYS A 10 6.97 -1.81 23.07
C CYS A 10 5.73 -2.53 22.53
N GLN A 11 5.61 -3.82 22.88
CA GLN A 11 4.45 -4.63 22.46
C GLN A 11 3.14 -4.12 23.02
N ALA A 12 3.06 -3.82 24.31
CA ALA A 12 1.81 -3.33 24.86
C ALA A 12 1.40 -2.03 24.19
N ARG A 13 2.37 -1.14 24.01
CA ARG A 13 2.10 0.18 23.49
C ARG A 13 1.61 0.14 22.05
N VAL A 14 2.38 -0.50 21.18
CA VAL A 14 1.94 -0.60 19.79
C VAL A 14 0.62 -1.36 19.65
N ASP A 15 0.44 -2.40 20.42
CA ASP A 15 -0.83 -3.15 20.39
C ASP A 15 -2.03 -2.30 20.71
N ALA A 16 -1.86 -1.36 21.64
CA ALA A 16 -2.98 -0.48 22.00
C ALA A 16 -3.31 0.45 20.90
N ALA A 17 -2.27 0.98 20.24
CA ALA A 17 -2.44 1.88 19.12
C ALA A 17 -3.06 1.12 17.92
N LEU A 18 -2.62 -0.11 17.71
CA LEU A 18 -3.09 -0.85 16.51
C LEU A 18 -4.57 -1.25 16.70
N ASP A 19 -4.90 -1.66 17.92
CA ASP A 19 -6.17 -2.24 18.17
C ASP A 19 -7.23 -1.21 17.84
N ALA A 20 -6.94 0.05 18.12
CA ALA A 20 -7.84 1.17 17.79
C ALA A 20 -8.10 1.48 16.28
N LEU A 21 -7.35 0.87 15.38
CA LEU A 21 -7.44 1.10 13.97
C LEU A 21 -8.45 0.16 13.32
N PHE A 22 -9.02 -0.81 14.04
CA PHE A 22 -9.80 -1.82 13.37
C PHE A 22 -11.30 -1.70 13.66
N VAL A 23 -11.79 -0.47 13.79
CA VAL A 23 -13.21 -0.22 13.95
C VAL A 23 -13.83 -0.01 12.61
N ALA A 24 -14.66 -0.96 12.21
CA ALA A 24 -15.41 -0.81 10.95
C ALA A 24 -16.26 0.47 10.95
N PRO A 25 -16.19 1.27 9.89
CA PRO A 25 -16.94 2.53 9.92
C PRO A 25 -18.43 2.35 9.71
N ARG A 26 -18.82 1.20 9.17
CA ARG A 26 -20.25 0.82 9.07
C ARG A 26 -20.40 -0.68 9.08
N GLU A 27 -21.63 -1.12 9.28
CA GLU A 27 -21.95 -2.51 9.53
C GLU A 27 -21.50 -3.48 8.45
N GLU A 28 -21.70 -3.11 7.18
CA GLU A 28 -21.37 -3.97 6.04
C GLU A 28 -19.88 -4.35 6.00
N LEU A 29 -19.05 -3.59 6.68
CA LEU A 29 -17.58 -3.79 6.67
C LEU A 29 -17.09 -4.51 7.92
N GLN A 30 -18.01 -4.97 8.79
CA GLN A 30 -17.57 -5.62 10.03
C GLN A 30 -16.66 -6.82 9.82
N ARG A 31 -16.98 -7.70 8.88
CA ARG A 31 -16.24 -8.96 8.75
C ARG A 31 -14.88 -8.66 8.16
N LEU A 32 -14.81 -7.70 7.23
CA LEU A 32 -13.51 -7.28 6.68
C LEU A 32 -12.57 -6.81 7.82
N TYR A 33 -13.11 -5.94 8.71
CA TYR A 33 -12.34 -5.36 9.78
C TYR A 33 -11.97 -6.42 10.80
N GLU A 34 -12.84 -7.39 11.01
CA GLU A 34 -12.50 -8.49 11.89
C GLU A 34 -11.33 -9.32 11.34
N ALA A 35 -11.31 -9.53 10.05
CA ALA A 35 -10.20 -10.26 9.44
C ALA A 35 -8.89 -9.49 9.50
N MET A 36 -9.03 -8.18 9.38
CA MET A 36 -7.85 -7.31 9.53
C MET A 36 -7.34 -7.43 10.94
N ARG A 37 -8.24 -7.33 11.94
CA ARG A 37 -7.84 -7.38 13.33
C ARG A 37 -7.22 -8.73 13.61
N TYR A 38 -7.87 -9.78 13.13
CA TYR A 38 -7.34 -11.16 13.29
C TYR A 38 -5.92 -11.31 12.73
N SER A 39 -5.65 -10.65 11.63
CA SER A 39 -4.35 -10.75 10.94
C SER A 39 -3.28 -9.95 11.62
N VAL A 40 -3.65 -9.00 12.48
CA VAL A 40 -2.64 -8.19 13.18
C VAL A 40 -2.52 -8.50 14.67
N MET A 41 -3.65 -8.76 15.33
CA MET A 41 -3.69 -8.85 16.78
C MET A 41 -3.54 -10.30 17.13
N ASN A 42 -2.38 -10.82 16.80
CA ASN A 42 -2.09 -12.21 16.95
C ASN A 42 -1.03 -12.57 17.95
N GLY A 43 -0.74 -11.70 18.90
CA GLY A 43 0.33 -11.93 19.89
C GLY A 43 1.76 -11.87 19.35
N GLY A 44 1.98 -11.30 18.16
CA GLY A 44 3.33 -11.18 17.61
C GLY A 44 4.25 -10.37 18.49
N LYS A 45 5.55 -10.67 18.40
CA LYS A 45 6.53 -10.03 19.26
C LYS A 45 6.83 -8.54 18.94
N ARG A 46 6.35 -8.02 17.79
CA ARG A 46 6.48 -6.61 17.43
C ARG A 46 7.95 -6.12 17.44
N VAL A 47 8.82 -6.87 16.78
CA VAL A 47 10.23 -6.48 16.61
C VAL A 47 10.37 -5.20 15.83
N ARG A 48 9.52 -4.99 14.80
CA ARG A 48 9.65 -3.80 13.99
C ARG A 48 9.24 -2.55 14.78
N PRO A 49 8.11 -2.60 15.48
CA PRO A 49 7.84 -1.51 16.44
C PRO A 49 8.91 -1.24 17.52
N LEU A 50 9.44 -2.31 18.09
CA LEU A 50 10.55 -2.21 19.02
C LEU A 50 11.67 -1.38 18.39
N LEU A 51 12.07 -1.72 17.18
CA LEU A 51 13.13 -0.98 16.48
C LEU A 51 12.81 0.54 16.28
N ALA A 52 11.59 0.85 15.89
CA ALA A 52 11.15 2.22 15.66
C ALA A 52 11.23 3.00 17.00
N TYR A 53 10.70 2.41 18.04
CA TYR A 53 10.79 3.06 19.35
C TYR A 53 12.25 3.24 19.83
N ALA A 54 13.07 2.18 19.70
CA ALA A 54 14.43 2.22 20.17
C ALA A 54 15.25 3.17 19.34
N ALA A 55 15.04 3.23 18.02
CA ALA A 55 15.76 4.19 17.21
C ALA A 55 15.41 5.63 17.62
N CYS A 56 14.13 5.83 17.87
CA CYS A 56 13.64 7.13 18.30
C CYS A 56 14.36 7.53 19.62
N GLU A 57 14.37 6.61 20.58
CA GLU A 57 15.03 6.86 21.87
C GLU A 57 16.52 7.02 21.75
N ALA A 58 17.14 6.31 20.81
CA ALA A 58 18.57 6.33 20.65
C ALA A 58 19.01 7.73 20.26
N LEU A 59 18.09 8.49 19.64
CA LEU A 59 18.39 9.85 19.20
C LEU A 59 17.83 10.91 20.11
N GLY A 60 17.37 10.51 21.30
CA GLY A 60 16.82 11.42 22.30
C GLY A 60 15.39 11.80 22.12
N GLY A 61 14.66 11.15 21.21
CA GLY A 61 13.24 11.43 21.10
C GLY A 61 12.41 10.69 22.13
N ALA A 62 11.35 11.31 22.62
CA ALA A 62 10.41 10.55 23.47
C ALA A 62 9.70 9.50 22.62
N PRO A 63 9.49 8.30 23.16
CA PRO A 63 9.12 7.17 22.27
C PRO A 63 7.72 7.27 21.66
N GLN A 64 6.80 7.92 22.36
CA GLN A 64 5.45 8.10 21.83
C GLN A 64 5.46 8.87 20.49
N ARG A 65 6.50 9.63 20.24
CA ARG A 65 6.68 10.27 18.93
C ARG A 65 6.72 9.27 17.76
N ALA A 66 7.20 8.07 18.05
CA ALA A 66 7.30 7.00 17.04
C ALA A 66 6.07 6.06 17.00
N ASP A 67 4.96 6.44 17.63
CA ASP A 67 3.80 5.53 17.66
C ASP A 67 3.27 5.21 16.24
N ALA A 68 3.18 6.22 15.39
CA ALA A 68 2.66 5.99 14.06
C ALA A 68 3.64 5.15 13.23
N ALA A 69 4.93 5.49 13.31
CA ALA A 69 5.97 4.69 12.67
C ALA A 69 5.86 3.26 13.07
N ALA A 70 5.78 3.02 14.35
CA ALA A 70 5.64 1.65 14.87
C ALA A 70 4.44 0.92 14.28
N CYS A 71 3.31 1.59 14.23
CA CYS A 71 2.12 0.99 13.66
C CYS A 71 2.26 0.69 12.18
N ALA A 72 2.83 1.61 11.43
CA ALA A 72 2.95 1.47 9.98
C ALA A 72 3.85 0.29 9.60
N VAL A 73 4.99 0.14 10.28
CA VAL A 73 5.85 -0.99 9.97
C VAL A 73 5.23 -2.30 10.38
N GLU A 74 4.47 -2.34 11.47
CA GLU A 74 3.81 -3.55 11.84
C GLU A 74 2.68 -3.92 10.87
N LEU A 75 1.94 -2.93 10.40
CA LEU A 75 0.91 -3.14 9.41
C LEU A 75 1.48 -3.71 8.11
N ILE A 76 2.60 -3.18 7.64
CA ILE A 76 3.25 -3.70 6.43
C ILE A 76 3.66 -5.16 6.70
N HIS A 77 4.28 -5.38 7.84
CA HIS A 77 4.69 -6.74 8.20
C HIS A 77 3.52 -7.74 8.23
N ALA A 78 2.46 -7.38 8.95
CA ALA A 78 1.26 -8.23 9.04
C ALA A 78 0.58 -8.52 7.71
N TYR A 79 0.43 -7.50 6.87
CA TYR A 79 -0.12 -7.75 5.51
C TYR A 79 0.79 -8.72 4.72
N SER A 80 2.10 -8.55 4.81
CA SER A 80 3.02 -9.41 4.07
C SER A 80 2.91 -10.87 4.49
N LEU A 81 2.77 -11.12 5.79
CA LEU A 81 2.53 -12.50 6.28
C LEU A 81 1.22 -13.12 5.74
N VAL A 82 0.14 -12.34 5.70
CA VAL A 82 -1.14 -12.88 5.24
C VAL A 82 -1.02 -13.31 3.81
N HIS A 83 -0.37 -12.51 2.95
CA HIS A 83 -0.28 -12.86 1.53
C HIS A 83 0.71 -14.03 1.39
N ASP A 84 1.76 -14.02 2.18
CA ASP A 84 2.74 -15.11 2.19
C ASP A 84 2.14 -16.45 2.54
N ASP A 85 1.15 -16.44 3.42
CA ASP A 85 0.45 -17.70 3.83
C ASP A 85 -0.45 -18.29 2.72
N LEU A 86 -0.78 -17.50 1.71
CA LEU A 86 -1.79 -17.89 0.73
C LEU A 86 -1.37 -19.09 -0.05
N PRO A 87 -2.35 -19.89 -0.53
CA PRO A 87 -1.95 -21.13 -1.25
C PRO A 87 -0.97 -20.94 -2.41
N ALA A 88 -1.08 -19.83 -3.13
CA ALA A 88 -0.17 -19.61 -4.26
C ALA A 88 1.24 -19.27 -3.84
N MET A 89 1.45 -18.98 -2.58
CA MET A 89 2.75 -18.62 -2.04
C MET A 89 3.22 -19.78 -1.19
N ASP A 90 3.28 -19.59 0.13
CA ASP A 90 3.77 -20.63 1.07
C ASP A 90 2.69 -21.66 1.45
N ASP A 91 1.43 -21.33 1.23
CA ASP A 91 0.34 -22.28 1.48
C ASP A 91 0.34 -22.84 2.90
N ASP A 92 0.27 -21.97 3.90
CA ASP A 92 0.36 -22.45 5.29
C ASP A 92 -1.05 -22.43 5.88
N ASP A 93 -1.45 -23.52 6.53
CA ASP A 93 -2.73 -23.59 7.27
C ASP A 93 -2.64 -22.91 8.66
N LEU A 94 -1.41 -22.81 9.16
CA LEU A 94 -1.07 -22.38 10.51
C LEU A 94 -0.08 -21.23 10.53
N ARG A 95 -0.25 -20.35 11.51
CA ARG A 95 0.79 -19.40 11.90
C ARG A 95 0.87 -19.39 13.44
N ARG A 96 1.98 -19.88 14.00
CA ARG A 96 2.08 -20.12 15.48
C ARG A 96 0.86 -20.86 16.08
N GLY A 97 0.53 -22.01 15.48
CA GLY A 97 -0.59 -22.87 15.90
C GLY A 97 -2.00 -22.39 15.61
N GLN A 98 -2.16 -21.16 15.11
CA GLN A 98 -3.49 -20.61 14.85
C GLN A 98 -3.77 -20.60 13.37
N PRO A 99 -5.06 -20.80 12.97
CA PRO A 99 -5.41 -20.87 11.56
C PRO A 99 -5.01 -19.56 10.89
N THR A 100 -4.53 -19.69 9.68
CA THR A 100 -4.16 -18.53 8.90
C THR A 100 -5.44 -17.79 8.52
N THR A 101 -5.28 -16.56 8.02
CA THR A 101 -6.47 -15.73 7.78
C THR A 101 -7.34 -16.36 6.71
N HIS A 102 -6.73 -16.97 5.69
CA HIS A 102 -7.55 -17.57 4.63
C HIS A 102 -8.37 -18.79 5.09
N ARG A 103 -7.88 -19.46 6.13
CA ARG A 103 -8.58 -20.57 6.79
C ARG A 103 -9.65 -20.13 7.80
N ALA A 104 -9.37 -19.14 8.58
CA ALA A 104 -10.28 -18.69 9.63
C ALA A 104 -11.43 -17.95 8.97
N PHE A 105 -11.16 -17.33 7.81
CA PHE A 105 -12.16 -16.57 7.07
C PHE A 105 -12.32 -17.25 5.71
N ASP A 106 -11.70 -16.72 4.65
CA ASP A 106 -11.77 -17.24 3.28
C ASP A 106 -10.65 -16.58 2.48
N GLU A 107 -10.33 -17.08 1.28
CA GLU A 107 -9.12 -16.60 0.58
C GLU A 107 -9.29 -15.19 0.08
N ALA A 108 -10.44 -14.87 -0.48
CA ALA A 108 -10.72 -13.50 -0.98
C ALA A 108 -10.58 -12.52 0.16
N THR A 109 -11.12 -12.87 1.30
CA THR A 109 -11.18 -11.97 2.45
C THR A 109 -9.77 -11.78 3.00
N ALA A 110 -8.95 -12.83 2.98
CA ALA A 110 -7.59 -12.70 3.36
C ALA A 110 -6.82 -11.80 2.42
N ILE A 111 -6.96 -11.97 1.13
CA ILE A 111 -6.32 -11.10 0.20
C ILE A 111 -6.69 -9.65 0.42
N LEU A 112 -7.98 -9.39 0.59
CA LEU A 112 -8.49 -8.05 0.69
C LEU A 112 -8.15 -7.39 2.03
N ALA A 113 -8.30 -8.12 3.11
CA ALA A 113 -7.91 -7.60 4.45
C ALA A 113 -6.47 -7.18 4.43
N ALA A 114 -5.61 -8.02 3.87
CA ALA A 114 -4.20 -7.63 3.77
C ALA A 114 -3.97 -6.42 2.86
N ASP A 115 -4.62 -6.38 1.70
CA ASP A 115 -4.57 -5.17 0.85
C ASP A 115 -4.97 -3.87 1.62
N GLY A 116 -5.98 -3.98 2.49
CA GLY A 116 -6.46 -2.87 3.27
C GLY A 116 -5.47 -2.51 4.35
N LEU A 117 -4.76 -3.49 4.88
CA LEU A 117 -3.74 -3.24 5.89
C LEU A 117 -2.56 -2.45 5.27
N GLN A 118 -2.19 -2.75 4.03
CA GLN A 118 -1.12 -1.99 3.38
C GLN A 118 -1.54 -0.48 3.21
N ALA A 119 -2.74 -0.24 2.70
CA ALA A 119 -3.26 1.14 2.56
C ALA A 119 -3.28 1.88 3.92
N LEU A 120 -3.64 1.15 4.98
CA LEU A 120 -3.74 1.74 6.31
C LEU A 120 -2.37 2.16 6.83
N ALA A 121 -1.34 1.38 6.49
CA ALA A 121 0.02 1.74 6.88
C ALA A 121 0.37 3.13 6.36
N PHE A 122 0.08 3.37 5.11
CA PHE A 122 0.32 4.71 4.50
C PHE A 122 -0.62 5.77 5.04
N GLU A 123 -1.86 5.39 5.27
CA GLU A 123 -2.81 6.33 5.84
C GLU A 123 -2.29 6.82 7.18
N VAL A 124 -1.85 5.92 8.03
CA VAL A 124 -1.40 6.30 9.38
C VAL A 124 -0.18 7.30 9.40
N LEU A 125 0.77 7.11 8.51
CA LEU A 125 1.89 7.99 8.36
C LEU A 125 1.54 9.35 7.78
N ALA A 126 0.57 9.39 6.85
CA ALA A 126 0.18 10.65 6.24
C ALA A 126 -0.76 11.50 7.10
N ASP A 127 -1.29 10.91 8.17
CA ASP A 127 -2.29 11.47 9.06
C ASP A 127 -1.54 12.30 10.07
N THR A 128 -1.61 13.62 9.95
CA THR A 128 -0.77 14.48 10.78
C THR A 128 -1.24 14.58 12.23
N ARG A 129 -2.41 14.00 12.54
CA ARG A 129 -2.81 13.87 13.92
C ARG A 129 -2.14 12.65 14.54
N ARG A 130 -2.21 11.51 13.88
CA ARG A 130 -1.60 10.30 14.42
C ARG A 130 -0.09 10.33 14.37
N ASN A 131 0.47 11.03 13.38
CA ASN A 131 1.89 11.10 13.12
C ASN A 131 2.28 12.56 13.05
N PRO A 132 2.27 13.24 14.20
CA PRO A 132 2.40 14.70 14.23
C PRO A 132 3.83 15.26 14.12
N GLN A 133 4.56 14.86 13.08
CA GLN A 133 5.93 15.34 12.84
C GLN A 133 5.78 16.58 11.95
N GLU A 134 6.90 17.24 11.67
CA GLU A 134 6.94 18.26 10.69
C GLU A 134 6.61 17.61 9.36
N HIS A 135 5.99 18.38 8.50
CA HIS A 135 5.46 17.82 7.27
C HIS A 135 6.49 17.18 6.42
N ALA A 136 7.65 17.77 6.34
CA ALA A 136 8.70 17.24 5.51
C ALA A 136 9.20 15.88 5.98
N VAL A 137 9.19 15.74 7.30
CA VAL A 137 9.56 14.50 7.91
C VAL A 137 8.48 13.40 7.71
N CYS A 138 7.21 13.78 7.78
CA CYS A 138 6.14 12.83 7.46
C CYS A 138 6.34 12.31 6.07
N LEU A 139 6.65 13.19 5.14
CA LEU A 139 6.84 12.74 3.75
C LEU A 139 8.02 11.80 3.54
N GLU A 140 9.15 12.15 4.13
CA GLU A 140 10.32 11.28 4.09
C GLU A 140 10.02 9.90 4.74
N MET A 141 9.23 9.85 5.80
CA MET A 141 8.82 8.57 6.40
C MET A 141 7.98 7.75 5.39
N LEU A 142 7.03 8.43 4.72
CA LEU A 142 6.23 7.82 3.67
C LEU A 142 7.03 7.31 2.50
N THR A 143 7.94 8.13 1.99
CA THR A 143 8.85 7.74 0.98
C THR A 143 9.64 6.49 1.36
N ARG A 144 10.22 6.51 2.55
CA ARG A 144 11.09 5.41 2.95
C ARG A 144 10.27 4.13 3.11
N LEU A 145 9.11 4.21 3.73
CA LEU A 145 8.27 3.02 3.90
C LEU A 145 7.81 2.44 2.54
N ALA A 146 7.45 3.33 1.64
CA ALA A 146 6.99 2.90 0.34
C ALA A 146 8.06 2.21 -0.40
N ARG A 147 9.25 2.78 -0.42
CA ARG A 147 10.35 2.14 -1.12
C ARG A 147 10.75 0.80 -0.47
N ALA A 148 10.74 0.77 0.86
CA ALA A 148 11.08 -0.47 1.57
C ALA A 148 10.02 -1.57 1.45
N ALA A 149 8.77 -1.19 1.33
CA ALA A 149 7.69 -2.14 1.28
C ALA A 149 7.44 -2.68 -0.12
N GLY A 150 7.90 -1.98 -1.16
CA GLY A 150 7.50 -2.30 -2.50
C GLY A 150 8.44 -3.21 -3.21
N SER A 151 8.32 -3.13 -4.52
CA SER A 151 8.98 -4.05 -5.42
C SER A 151 10.47 -3.87 -5.50
N ALA A 152 10.97 -2.77 -4.92
CA ALA A 152 12.42 -2.61 -4.72
C ALA A 152 12.93 -3.01 -3.32
N GLY A 153 12.05 -3.42 -2.43
CA GLY A 153 12.38 -3.85 -1.08
C GLY A 153 11.72 -5.16 -0.79
N MET A 154 10.82 -5.15 0.21
CA MET A 154 10.20 -6.36 0.77
C MET A 154 9.52 -7.19 -0.34
N VAL A 155 8.67 -6.57 -1.14
CA VAL A 155 7.97 -7.38 -2.16
C VAL A 155 8.97 -7.91 -3.16
N GLY A 156 9.97 -7.12 -3.51
CA GLY A 156 11.00 -7.60 -4.34
C GLY A 156 11.75 -8.80 -3.76
N GLY A 157 12.03 -8.75 -2.47
CA GLY A 157 12.68 -9.86 -1.79
C GLY A 157 11.85 -11.12 -1.83
N GLN A 158 10.56 -10.96 -1.69
CA GLN A 158 9.64 -12.10 -1.89
C GLN A 158 9.70 -12.70 -3.29
N ALA A 159 9.82 -11.86 -4.28
CA ALA A 159 10.00 -12.29 -5.66
C ALA A 159 11.37 -12.90 -5.86
N ILE A 160 12.40 -12.40 -5.22
CA ILE A 160 13.70 -12.98 -5.40
C ILE A 160 13.74 -14.39 -4.82
N ASP A 161 13.17 -14.54 -3.64
CA ASP A 161 13.04 -15.82 -3.02
C ASP A 161 12.26 -16.80 -3.91
N LEU A 162 11.06 -16.43 -4.33
CA LEU A 162 10.29 -17.23 -5.24
C LEU A 162 11.11 -17.64 -6.45
N GLY A 163 11.85 -16.69 -7.00
CA GLY A 163 12.60 -16.88 -8.22
C GLY A 163 13.91 -17.63 -8.08
N SER A 164 14.35 -17.95 -6.86
CA SER A 164 15.67 -18.54 -6.71
C SER A 164 15.65 -20.05 -6.85
N VAL A 165 16.80 -20.62 -7.22
CA VAL A 165 17.02 -22.03 -6.89
C VAL A 165 18.43 -22.31 -6.37
N ALA A 168 20.67 -23.81 -5.40
CA ALA A 168 21.96 -23.59 -6.06
C ALA A 168 22.33 -22.09 -6.08
N LEU A 169 22.55 -21.62 -4.87
CA LEU A 169 22.62 -20.19 -4.52
C LEU A 169 23.82 -19.90 -3.61
N ASP A 170 24.63 -18.88 -3.90
CA ASP A 170 25.84 -18.63 -3.13
C ASP A 170 25.58 -17.58 -2.02
N GLN A 171 26.56 -17.36 -1.15
CA GLN A 171 26.31 -16.51 0.00
C GLN A 171 25.88 -15.11 -0.44
N ALA A 172 26.55 -14.55 -1.44
CA ALA A 172 26.22 -13.19 -1.84
C ALA A 172 24.74 -13.12 -2.27
N ALA A 173 24.26 -14.18 -2.92
CA ALA A 173 22.93 -14.17 -3.48
C ALA A 173 21.90 -14.38 -2.41
N LEU A 174 22.25 -15.19 -1.42
CA LEU A 174 21.41 -15.39 -0.26
C LEU A 174 21.26 -14.06 0.52
N GLU A 175 22.34 -13.37 0.69
CA GLU A 175 22.31 -12.07 1.38
C GLU A 175 21.51 -11.03 0.60
N VAL A 176 21.59 -11.11 -0.71
CA VAL A 176 20.75 -10.19 -1.55
C VAL A 176 19.27 -10.43 -1.25
N MET A 177 18.90 -11.69 -1.21
CA MET A 177 17.53 -12.07 -0.91
CA MET A 177 17.53 -12.08 -0.92
C MET A 177 17.13 -11.57 0.47
N HIS A 178 17.93 -11.91 1.48
CA HIS A 178 17.59 -11.47 2.86
C HIS A 178 17.46 -9.96 3.00
N ARG A 179 18.40 -9.22 2.39
CA ARG A 179 18.44 -7.80 2.55
C ARG A 179 17.17 -7.23 1.99
N HIS A 180 16.60 -7.87 0.95
CA HIS A 180 15.33 -7.36 0.41
C HIS A 180 14.13 -7.85 1.21
N LYS A 181 14.05 -9.17 1.40
CA LYS A 181 12.86 -9.82 1.93
C LYS A 181 12.54 -9.37 3.37
N THR A 182 13.59 -9.24 4.15
CA THR A 182 13.47 -8.84 5.54
C THR A 182 14.26 -7.58 5.88
N GLY A 183 15.42 -7.38 5.25
CA GLY A 183 16.28 -6.26 5.62
C GLY A 183 15.65 -4.91 5.35
N ALA A 184 15.01 -4.74 4.20
CA ALA A 184 14.51 -3.42 3.84
C ALA A 184 13.54 -2.90 4.89
N LEU A 185 12.66 -3.76 5.37
CA LEU A 185 11.64 -3.29 6.31
C LEU A 185 12.24 -3.09 7.69
N ILE A 186 13.14 -3.99 8.10
CA ILE A 186 13.92 -3.78 9.34
C ILE A 186 14.62 -2.42 9.36
N GLU A 187 15.30 -2.13 8.27
CA GLU A 187 15.99 -0.86 8.09
C GLU A 187 15.04 0.32 8.07
N ALA A 188 13.90 0.14 7.45
CA ALA A 188 12.92 1.24 7.45
C ALA A 188 12.34 1.48 8.85
N SER A 189 12.22 0.44 9.65
CA SER A 189 11.68 0.56 11.00
C SER A 189 12.60 1.47 11.80
N VAL A 190 13.90 1.19 11.71
CA VAL A 190 14.94 2.03 12.38
C VAL A 190 14.90 3.46 11.81
N ARG A 191 14.86 3.60 10.50
CA ARG A 191 14.86 4.90 9.87
C ARG A 191 13.65 5.73 10.28
N LEU A 192 12.48 5.12 10.35
CA LEU A 192 11.30 5.89 10.64
C LEU A 192 11.32 6.34 12.08
N GLY A 193 11.76 5.47 12.96
CA GLY A 193 11.86 5.83 14.36
C GLY A 193 12.80 6.99 14.59
N ALA A 194 13.93 6.93 13.92
CA ALA A 194 14.94 8.01 13.97
C ALA A 194 14.43 9.35 13.44
N LEU A 195 13.67 9.31 12.33
CA LEU A 195 12.98 10.49 11.79
C LEU A 195 12.01 11.08 12.78
N ALA A 196 11.24 10.21 13.45
CA ALA A 196 10.27 10.63 14.44
C ALA A 196 10.92 11.27 15.68
N SER A 197 12.19 11.03 15.91
CA SER A 197 12.89 11.67 17.05
C SER A 197 13.00 13.18 16.92
N GLY A 198 12.92 13.68 15.69
CA GLY A 198 13.05 15.12 15.39
C GLY A 198 14.53 15.51 15.35
N ARG A 199 15.42 14.55 15.59
CA ARG A 199 16.86 14.85 15.74
C ARG A 199 17.74 14.09 14.80
N ALA A 200 17.13 13.60 13.73
CA ALA A 200 17.89 12.83 12.78
C ALA A 200 18.95 13.75 12.17
N GLU A 201 20.05 13.19 11.71
CA GLU A 201 20.89 13.87 10.75
C GLU A 201 21.59 12.81 10.02
N PRO A 202 22.25 13.17 8.90
CA PRO A 202 22.74 12.14 7.98
C PRO A 202 23.73 11.15 8.61
N ALA A 203 24.63 11.63 9.43
CA ALA A 203 25.63 10.74 10.02
C ALA A 203 24.94 9.75 10.95
N SER A 204 24.10 10.22 11.84
CA SER A 204 23.36 9.32 12.75
CA SER A 204 23.34 9.31 12.70
C SER A 204 22.44 8.37 11.95
N LEU A 205 21.74 8.88 10.93
CA LEU A 205 20.92 8.01 10.08
C LEU A 205 21.73 6.91 9.42
N ALA A 206 22.92 7.23 8.97
CA ALA A 206 23.75 6.27 8.31
C ALA A 206 24.26 5.18 9.24
N ALA A 207 24.59 5.60 10.45
CA ALA A 207 25.04 4.68 11.46
C ALA A 207 23.92 3.75 11.86
N LEU A 208 22.73 4.29 12.07
CA LEU A 208 21.62 3.45 12.38
C LEU A 208 21.29 2.51 11.22
N GLU A 209 21.54 2.92 9.99
CA GLU A 209 21.30 2.04 8.85
C GLU A 209 22.28 0.84 8.89
N ARG A 210 23.53 1.14 9.25
CA ARG A 210 24.53 0.07 9.38
C ARG A 210 24.16 -0.91 10.48
N TYR A 211 23.68 -0.35 11.57
CA TYR A 211 23.13 -1.13 12.64
C TYR A 211 22.07 -2.13 12.13
N ALA A 212 21.09 -1.59 11.43
CA ALA A 212 19.91 -2.37 10.95
C ALA A 212 20.29 -3.45 9.96
N GLU A 213 21.23 -3.14 9.08
CA GLU A 213 21.73 -4.09 8.10
C GLU A 213 22.32 -5.29 8.82
N ALA A 214 23.12 -4.96 9.85
CA ALA A 214 23.87 -5.93 10.65
C ALA A 214 22.92 -6.81 11.45
N ILE A 215 21.98 -6.26 12.18
CA ILE A 215 21.10 -7.12 12.95
C ILE A 215 20.16 -7.94 12.07
N GLY A 216 19.72 -7.39 10.96
CA GLY A 216 18.77 -8.09 10.08
C GLY A 216 19.45 -9.37 9.58
N LEU A 217 20.70 -9.25 9.18
CA LEU A 217 21.46 -10.39 8.75
C LEU A 217 21.80 -11.34 9.89
N ALA A 218 22.22 -10.79 11.04
CA ALA A 218 22.55 -11.62 12.21
C ALA A 218 21.41 -12.52 12.61
N PHE A 219 20.19 -11.99 12.53
CA PHE A 219 19.07 -12.74 12.85
C PHE A 219 18.92 -13.97 11.93
N GLN A 220 19.19 -13.79 10.64
CA GLN A 220 19.00 -14.88 9.69
C GLN A 220 20.09 -15.95 9.88
N VAL A 221 21.31 -15.51 10.19
CA VAL A 221 22.38 -16.46 10.47
C VAL A 221 22.07 -17.33 11.71
N GLN A 222 21.73 -16.66 12.80
CA GLN A 222 21.43 -17.36 14.04
C GLN A 222 20.22 -18.27 13.85
N ASP A 223 19.26 -17.81 13.10
CA ASP A 223 18.14 -18.64 12.83
C ASP A 223 18.53 -19.97 12.13
N ASP A 224 19.40 -19.91 11.12
CA ASP A 224 19.85 -21.11 10.41
C ASP A 224 20.61 -22.04 11.38
N ILE A 225 21.41 -21.45 12.26
CA ILE A 225 22.21 -22.18 13.25
C ILE A 225 21.31 -22.93 14.20
N LEU A 226 20.24 -22.30 14.66
CA LEU A 226 19.29 -22.95 15.56
C LEU A 226 18.51 -24.07 14.88
N ASP A 227 18.20 -23.88 13.60
CA ASP A 227 17.45 -24.91 12.87
C ASP A 227 18.25 -26.22 12.82
N VAL A 228 19.58 -26.12 12.87
CA VAL A 228 20.51 -27.27 13.09
C VAL A 228 20.91 -27.61 14.58
N GLU A 229 20.05 -28.19 15.46
CA GLU A 229 18.58 -28.16 15.45
C GLU A 229 18.02 -28.19 16.85
N PRO A 248 19.63 -24.24 1.51
CA PRO A 248 20.87 -23.48 1.24
C PRO A 248 21.14 -22.47 2.37
N THR A 249 21.83 -22.91 3.43
CA THR A 249 21.82 -22.19 4.71
C THR A 249 23.16 -21.68 5.08
N TYR A 250 23.20 -20.79 6.05
CA TYR A 250 24.52 -20.26 6.44
C TYR A 250 25.48 -21.37 6.93
N PRO A 251 25.00 -22.30 7.75
CA PRO A 251 25.88 -23.40 8.13
C PRO A 251 26.33 -24.26 6.92
N ALA A 252 25.46 -24.47 5.93
CA ALA A 252 25.90 -25.28 4.79
C ALA A 252 26.93 -24.50 3.97
N LEU A 253 26.84 -23.17 3.93
CA LEU A 253 27.73 -22.41 3.09
C LEU A 253 29.08 -22.22 3.74
N LEU A 254 29.05 -22.02 5.04
CA LEU A 254 30.22 -21.62 5.76
C LEU A 254 30.77 -22.74 6.66
N GLY A 255 29.95 -23.73 7.00
CA GLY A 255 30.23 -24.68 8.09
C GLY A 255 29.62 -24.12 9.36
N LEU A 256 29.24 -25.01 10.27
CA LEU A 256 28.49 -24.62 11.46
C LEU A 256 29.27 -23.67 12.36
N GLU A 257 30.54 -23.93 12.52
CA GLU A 257 31.33 -23.15 13.42
C GLU A 257 31.67 -21.78 12.82
N ALA A 258 31.98 -21.68 11.52
CA ALA A 258 32.25 -20.38 10.95
C ALA A 258 30.96 -19.51 10.89
N ALA A 259 29.81 -20.16 10.79
CA ALA A 259 28.52 -19.47 10.79
C ALA A 259 28.33 -18.80 12.16
N LYS A 260 28.62 -19.57 13.21
CA LYS A 260 28.49 -19.04 14.59
C LYS A 260 29.42 -17.82 14.77
N GLY A 261 30.64 -17.93 14.28
CA GLY A 261 31.55 -16.81 14.25
C GLY A 261 31.09 -15.61 13.47
N TYR A 262 30.47 -15.86 12.32
CA TYR A 262 29.93 -14.79 11.49
C TYR A 262 28.77 -14.07 12.23
N ALA A 263 27.95 -14.80 12.98
CA ALA A 263 26.89 -14.19 13.79
C ALA A 263 27.44 -13.23 14.81
N LEU A 264 28.52 -13.63 15.49
CA LEU A 264 29.21 -12.70 16.36
C LEU A 264 29.78 -11.49 15.63
N GLU A 265 30.39 -11.69 14.46
CA GLU A 265 30.93 -10.58 13.66
CA GLU A 265 30.93 -10.57 13.66
C GLU A 265 29.81 -9.57 13.36
N LEU A 266 28.61 -10.09 13.07
CA LEU A 266 27.47 -9.19 12.71
C LEU A 266 27.00 -8.39 13.90
N ARG A 267 26.91 -9.09 15.03
CA ARG A 267 26.59 -8.36 16.26
C ARG A 267 27.62 -7.26 16.52
N ASP A 268 28.89 -7.59 16.34
CA ASP A 268 29.92 -6.59 16.57
C ASP A 268 29.79 -5.39 15.68
N LEU A 269 29.50 -5.60 14.40
CA LEU A 269 29.28 -4.52 13.46
C LEU A 269 28.12 -3.66 13.90
N ALA A 270 27.07 -4.30 14.39
CA ALA A 270 25.90 -3.59 14.90
C ALA A 270 26.28 -2.68 16.07
N LEU A 271 27.05 -3.23 17.00
CA LEU A 271 27.47 -2.48 18.19
C LEU A 271 28.46 -1.34 17.81
N ALA A 272 29.36 -1.61 16.89
CA ALA A 272 30.31 -0.58 16.38
C ALA A 272 29.64 0.57 15.68
N ALA A 273 28.52 0.29 15.01
CA ALA A 273 27.74 1.31 14.35
C ALA A 273 27.12 2.22 15.36
N LEU A 274 26.88 1.73 16.57
CA LEU A 274 26.34 2.56 17.62
C LEU A 274 27.41 3.22 18.54
N ASP A 275 28.68 3.07 18.21
CA ASP A 275 29.73 3.80 18.94
C ASP A 275 29.50 5.31 18.94
N GLY A 276 29.58 5.91 20.12
CA GLY A 276 29.30 7.35 20.21
C GLY A 276 27.85 7.70 20.49
N PHE A 277 26.93 6.75 20.37
CA PHE A 277 25.58 7.01 20.75
C PHE A 277 25.56 6.99 22.25
N PRO A 278 24.66 7.76 22.83
CA PRO A 278 24.52 7.80 24.29
C PRO A 278 23.88 6.57 24.87
N PRO A 279 23.82 6.50 26.24
CA PRO A 279 23.19 5.39 26.90
C PRO A 279 21.76 5.12 26.42
N SER A 280 21.05 6.11 25.92
CA SER A 280 19.66 5.87 25.49
C SER A 280 19.57 4.91 24.25
N ALA A 281 20.70 4.61 23.62
CA ALA A 281 20.81 3.59 22.55
C ALA A 281 21.01 2.19 23.12
N ASP A 282 21.05 2.07 24.45
CA ASP A 282 21.25 0.73 25.05
C ASP A 282 20.22 -0.32 24.63
N PRO A 283 18.97 0.08 24.42
CA PRO A 283 18.03 -0.96 23.98
C PRO A 283 18.46 -1.58 22.64
N LEU A 284 18.98 -0.74 21.73
CA LEU A 284 19.42 -1.27 20.44
C LEU A 284 20.64 -2.22 20.67
N ARG A 285 21.52 -1.84 21.57
CA ARG A 285 22.70 -2.69 21.84
C ARG A 285 22.26 -4.04 22.41
N GLN A 286 21.38 -3.97 23.41
CA GLN A 286 20.90 -5.19 24.03
C GLN A 286 20.18 -6.09 23.04
N LEU A 287 19.41 -5.49 22.13
CA LEU A 287 18.75 -6.25 21.10
C LEU A 287 19.74 -6.98 20.21
N ALA A 288 20.83 -6.33 19.81
CA ALA A 288 21.85 -6.95 18.95
C ALA A 288 22.46 -8.16 19.60
N ARG A 289 22.77 -8.04 20.90
CA ARG A 289 23.26 -9.21 21.66
C ARG A 289 22.23 -10.28 21.78
N TYR A 290 21.01 -9.91 22.07
CA TYR A 290 19.94 -10.88 22.26
C TYR A 290 19.80 -11.79 21.02
N ILE A 291 19.85 -11.20 19.85
CA ILE A 291 19.72 -11.92 18.56
C ILE A 291 20.73 -13.03 18.37
N VAL A 292 21.97 -12.80 18.77
CA VAL A 292 22.95 -13.90 18.67
C VAL A 292 23.09 -14.77 19.93
N GLU A 293 22.52 -14.37 21.07
CA GLU A 293 22.55 -15.16 22.28
C GLU A 293 21.34 -16.06 22.40
N ARG A 294 20.27 -15.81 21.67
CA ARG A 294 19.06 -16.67 21.82
C ARG A 294 19.45 -18.13 21.62
N ARG A 295 18.74 -18.99 22.35
CA ARG A 295 19.11 -20.41 22.72
C ARG A 295 20.56 -20.61 23.11
N SER B 1 -15.03 14.02 -31.02
CA SER B 1 -15.58 14.97 -29.99
C SER B 1 -14.43 15.68 -29.28
N MET B 2 -14.78 16.73 -28.59
CA MET B 2 -13.84 17.34 -27.67
C MET B 2 -13.41 16.36 -26.56
N ILE B 3 -14.34 15.56 -26.05
CA ILE B 3 -13.99 14.64 -24.95
C ILE B 3 -13.07 13.55 -25.48
N ALA B 4 -13.31 13.07 -26.69
CA ALA B 4 -12.44 12.04 -27.27
C ALA B 4 -10.99 12.54 -27.35
N ALA B 5 -10.79 13.79 -27.77
CA ALA B 5 -9.47 14.35 -27.86
C ALA B 5 -8.86 14.56 -26.46
N TYR B 6 -9.67 15.04 -25.52
CA TYR B 6 -9.20 15.22 -24.14
C TYR B 6 -8.75 13.86 -23.54
N GLN B 7 -9.59 12.84 -23.69
CA GLN B 7 -9.23 11.52 -23.23
C GLN B 7 -7.90 11.08 -23.84
N ALA B 8 -7.72 11.28 -25.14
CA ALA B 8 -6.54 10.77 -25.82
C ALA B 8 -5.31 11.48 -25.30
N ARG B 9 -5.39 12.78 -25.11
CA ARG B 9 -4.29 13.53 -24.46
C ARG B 9 -3.93 13.05 -23.05
N CYS B 10 -4.95 12.90 -22.19
CA CYS B 10 -4.72 12.38 -20.84
C CYS B 10 -4.05 11.01 -20.89
N GLN B 11 -4.54 10.15 -21.78
CA GLN B 11 -4.01 8.78 -21.92
C GLN B 11 -2.55 8.77 -22.35
N ALA B 12 -2.20 9.52 -23.39
CA ALA B 12 -0.80 9.55 -23.86
C ALA B 12 0.10 10.01 -22.73
N ARG B 13 -0.33 11.08 -22.06
CA ARG B 13 0.46 11.66 -21.02
C ARG B 13 0.71 10.77 -19.83
N VAL B 14 -0.35 10.27 -19.24
CA VAL B 14 -0.17 9.38 -18.08
C VAL B 14 0.59 8.10 -18.47
N ASP B 15 0.37 7.60 -19.67
CA ASP B 15 1.05 6.40 -20.10
C ASP B 15 2.55 6.59 -20.14
N ALA B 16 2.97 7.75 -20.55
CA ALA B 16 4.41 8.06 -20.66
C ALA B 16 5.02 8.17 -19.26
N ALA B 17 4.29 8.77 -18.35
CA ALA B 17 4.71 8.83 -16.97
C ALA B 17 4.73 7.43 -16.33
N LEU B 18 3.73 6.59 -16.61
CA LEU B 18 3.65 5.30 -15.94
C LEU B 18 4.74 4.35 -16.45
N ASP B 19 4.97 4.42 -17.74
CA ASP B 19 5.84 3.48 -18.40
C ASP B 19 7.23 3.59 -17.77
N ALA B 20 7.61 4.82 -17.42
CA ALA B 20 8.90 5.06 -16.75
C ALA B 20 9.11 4.47 -15.36
N LEU B 21 8.07 3.90 -14.77
CA LEU B 21 8.11 3.47 -13.38
C LEU B 21 8.46 1.99 -13.31
N PHE B 22 8.61 1.34 -14.44
CA PHE B 22 8.75 -0.11 -14.35
C PHE B 22 10.10 -0.66 -14.70
N VAL B 23 11.15 0.08 -14.38
CA VAL B 23 12.52 -0.44 -14.56
C VAL B 23 13.02 -1.13 -13.30
N ALA B 24 13.27 -2.42 -13.43
CA ALA B 24 13.80 -3.18 -12.33
C ALA B 24 15.15 -2.62 -11.91
N PRO B 25 15.33 -2.39 -10.60
CA PRO B 25 16.58 -1.80 -10.18
C PRO B 25 17.77 -2.76 -10.25
N ARG B 26 17.49 -4.05 -10.33
CA ARG B 26 18.54 -5.07 -10.54
C ARG B 26 17.93 -6.27 -11.19
N GLU B 27 18.80 -7.15 -11.68
CA GLU B 27 18.49 -8.26 -12.57
CA GLU B 27 18.39 -8.20 -12.62
C GLU B 27 17.49 -9.26 -11.99
N GLU B 28 17.64 -9.54 -10.70
CA GLU B 28 16.79 -10.55 -10.01
C GLU B 28 15.32 -10.15 -9.95
N LEU B 29 15.07 -8.85 -10.08
CA LEU B 29 13.72 -8.31 -10.04
C LEU B 29 13.10 -8.13 -11.40
N GLN B 30 13.78 -8.53 -12.46
CA GLN B 30 13.23 -8.25 -13.81
C GLN B 30 11.82 -8.77 -14.04
N ARG B 31 11.60 -10.03 -13.70
CA ARG B 31 10.28 -10.66 -13.98
C ARG B 31 9.14 -10.03 -13.14
N LEU B 32 9.43 -9.64 -11.89
CA LEU B 32 8.55 -8.92 -11.08
C LEU B 32 8.13 -7.59 -11.74
N TYR B 33 9.08 -6.87 -12.26
CA TYR B 33 8.80 -5.61 -12.85
C TYR B 33 8.09 -5.75 -14.20
N GLU B 34 8.37 -6.82 -14.92
CA GLU B 34 7.65 -7.10 -16.16
C GLU B 34 6.16 -7.44 -15.89
N ALA B 35 5.91 -8.11 -14.80
CA ALA B 35 4.54 -8.34 -14.42
C ALA B 35 3.82 -7.04 -13.99
N MET B 36 4.56 -6.18 -13.33
CA MET B 36 3.99 -4.89 -12.93
C MET B 36 3.63 -4.14 -14.21
N ARG B 37 4.57 -4.07 -15.17
CA ARG B 37 4.35 -3.35 -16.41
C ARG B 37 3.19 -3.97 -17.21
N TYR B 38 3.16 -5.29 -17.26
CA TYR B 38 2.09 -6.00 -17.94
C TYR B 38 0.71 -5.69 -17.37
N SER B 39 0.65 -5.54 -16.05
CA SER B 39 -0.59 -5.26 -15.34
C SER B 39 -1.07 -3.80 -15.56
N VAL B 40 -0.19 -2.87 -15.92
CA VAL B 40 -0.54 -1.47 -16.04
C VAL B 40 -0.65 -0.99 -17.49
N MET B 41 0.28 -1.45 -18.31
CA MET B 41 0.40 -0.92 -19.69
C MET B 41 -0.37 -1.80 -20.60
N ASN B 42 -1.66 -1.80 -20.40
CA ASN B 42 -2.52 -2.72 -21.11
C ASN B 42 -3.59 -2.08 -22.00
N GLY B 43 -3.35 -0.89 -22.47
CA GLY B 43 -4.33 -0.19 -23.29
C GLY B 43 -5.57 0.34 -22.61
N GLY B 44 -5.57 0.42 -21.27
CA GLY B 44 -6.68 0.99 -20.56
C GLY B 44 -6.97 2.46 -20.94
N LYS B 45 -8.25 2.84 -20.85
CA LYS B 45 -8.72 4.20 -21.19
C LYS B 45 -8.29 5.28 -20.24
N ARG B 46 -7.84 4.91 -19.01
CA ARG B 46 -7.36 5.92 -18.04
C ARG B 46 -8.38 6.99 -17.61
N VAL B 47 -9.57 6.56 -17.29
CA VAL B 47 -10.63 7.46 -16.83
C VAL B 47 -10.19 8.15 -15.57
N ARG B 48 -9.46 7.45 -14.69
CA ARG B 48 -9.14 8.05 -13.36
C ARG B 48 -8.10 9.16 -13.55
N PRO B 49 -7.08 8.94 -14.40
CA PRO B 49 -6.16 10.05 -14.79
C PRO B 49 -6.87 11.21 -15.47
N LEU B 50 -7.79 10.90 -16.38
CA LEU B 50 -8.61 11.94 -17.04
C LEU B 50 -9.27 12.80 -16.00
N LEU B 51 -9.92 12.19 -15.01
CA LEU B 51 -10.56 12.94 -13.93
C LEU B 51 -9.61 13.82 -13.09
N ALA B 52 -8.43 13.30 -12.77
CA ALA B 52 -7.41 14.07 -12.07
C ALA B 52 -6.99 15.32 -12.91
N TYR B 53 -6.62 15.11 -14.14
CA TYR B 53 -6.24 16.21 -15.02
C TYR B 53 -7.40 17.24 -15.19
N ALA B 54 -8.61 16.75 -15.41
CA ALA B 54 -9.77 17.63 -15.66
C ALA B 54 -10.15 18.39 -14.41
N ALA B 55 -10.09 17.74 -13.25
CA ALA B 55 -10.32 18.47 -12.01
C ALA B 55 -9.27 19.58 -11.76
N CYS B 56 -8.04 19.27 -12.13
CA CYS B 56 -6.92 20.19 -11.97
C CYS B 56 -7.22 21.43 -12.87
N GLU B 57 -7.54 21.19 -14.15
CA GLU B 57 -7.88 22.26 -15.08
C GLU B 57 -9.12 23.06 -14.66
N ALA B 58 -10.09 22.39 -14.12
CA ALA B 58 -11.36 23.04 -13.71
C ALA B 58 -11.14 24.06 -12.68
N LEU B 59 -10.07 23.90 -11.91
CA LEU B 59 -9.68 24.93 -10.89
C LEU B 59 -8.60 25.88 -11.33
N GLY B 60 -8.24 25.85 -12.60
CA GLY B 60 -7.22 26.75 -13.15
C GLY B 60 -5.79 26.26 -13.05
N GLY B 61 -5.55 25.01 -12.63
CA GLY B 61 -4.18 24.51 -12.60
C GLY B 61 -3.71 24.00 -13.94
N ALA B 62 -2.44 24.19 -14.27
CA ALA B 62 -1.90 23.54 -15.45
C ALA B 62 -1.95 22.03 -15.25
N PRO B 63 -2.31 21.27 -16.29
CA PRO B 63 -2.57 19.85 -16.12
C PRO B 63 -1.37 18.98 -15.70
N GLN B 64 -0.15 19.33 -16.15
CA GLN B 64 1.08 18.58 -15.74
C GLN B 64 1.27 18.56 -14.21
N ARG B 65 0.68 19.50 -13.50
CA ARG B 65 0.72 19.47 -12.06
C ARG B 65 0.09 18.22 -11.44
N ALA B 66 -0.86 17.67 -12.15
CA ALA B 66 -1.59 16.45 -11.71
C ALA B 66 -0.97 15.14 -12.17
N ASP B 67 0.25 15.18 -12.72
CA ASP B 67 0.83 13.95 -13.31
C ASP B 67 0.91 12.83 -12.23
N ALA B 68 1.35 13.19 -11.02
CA ALA B 68 1.62 12.23 -10.01
C ALA B 68 0.30 11.68 -9.50
N ALA B 69 -0.65 12.55 -9.28
CA ALA B 69 -2.01 12.15 -8.98
C ALA B 69 -2.57 11.20 -9.98
N ALA B 70 -2.47 11.53 -11.24
CA ALA B 70 -2.96 10.68 -12.29
C ALA B 70 -2.29 9.27 -12.23
N CYS B 71 -0.98 9.26 -12.06
CA CYS B 71 -0.26 7.97 -11.95
C CYS B 71 -0.74 7.16 -10.71
N ALA B 72 -0.86 7.82 -9.58
CA ALA B 72 -1.25 7.12 -8.35
C ALA B 72 -2.62 6.49 -8.46
N VAL B 73 -3.61 7.24 -8.98
CA VAL B 73 -4.91 6.64 -9.04
C VAL B 73 -4.97 5.51 -10.04
N GLU B 74 -4.22 5.63 -11.12
CA GLU B 74 -4.17 4.54 -12.09
C GLU B 74 -3.48 3.32 -11.52
N LEU B 75 -2.44 3.55 -10.72
CA LEU B 75 -1.74 2.43 -10.04
C LEU B 75 -2.60 1.68 -9.03
N ILE B 76 -3.37 2.39 -8.28
CA ILE B 76 -4.38 1.75 -7.42
C ILE B 76 -5.39 0.94 -8.21
N HIS B 77 -5.93 1.56 -9.25
CA HIS B 77 -6.87 0.87 -10.12
C HIS B 77 -6.32 -0.45 -10.67
N ALA B 78 -5.15 -0.39 -11.30
CA ALA B 78 -4.52 -1.51 -11.91
C ALA B 78 -4.27 -2.62 -10.90
N TYR B 79 -3.76 -2.28 -9.71
CA TYR B 79 -3.48 -3.30 -8.71
C TYR B 79 -4.81 -4.00 -8.35
N SER B 80 -5.85 -3.23 -8.19
CA SER B 80 -7.13 -3.79 -7.76
C SER B 80 -7.65 -4.82 -8.76
N LEU B 81 -7.46 -4.58 -10.04
CA LEU B 81 -7.93 -5.47 -11.10
C LEU B 81 -7.10 -6.74 -11.10
N VAL B 82 -5.78 -6.65 -10.89
CA VAL B 82 -4.94 -7.85 -10.80
C VAL B 82 -5.35 -8.78 -9.67
N HIS B 83 -5.65 -8.23 -8.49
CA HIS B 83 -6.06 -9.09 -7.38
C HIS B 83 -7.47 -9.63 -7.64
N ASP B 84 -8.33 -8.79 -8.20
CA ASP B 84 -9.70 -9.20 -8.58
C ASP B 84 -9.77 -10.32 -9.57
N ASP B 85 -8.78 -10.39 -10.47
CA ASP B 85 -8.73 -11.44 -11.48
C ASP B 85 -8.36 -12.82 -10.95
N LEU B 86 -7.73 -12.87 -9.79
CA LEU B 86 -7.20 -14.13 -9.23
C LEU B 86 -8.27 -15.23 -9.00
N PRO B 87 -7.89 -16.51 -8.99
CA PRO B 87 -8.88 -17.59 -8.88
C PRO B 87 -9.75 -17.54 -7.64
N ALA B 88 -9.23 -17.02 -6.54
CA ALA B 88 -10.02 -16.94 -5.34
C ALA B 88 -11.00 -15.76 -5.35
N MET B 89 -10.87 -14.86 -6.33
CA MET B 89 -11.79 -13.74 -6.45
C MET B 89 -12.69 -13.97 -7.64
N ASP B 90 -12.52 -13.24 -8.72
CA ASP B 90 -13.35 -13.39 -9.92
C ASP B 90 -12.87 -14.50 -10.85
N ASP B 91 -11.62 -14.96 -10.70
CA ASP B 91 -11.11 -16.05 -11.50
C ASP B 91 -11.25 -15.76 -13.00
N ASP B 92 -10.60 -14.72 -13.47
CA ASP B 92 -10.79 -14.29 -14.82
C ASP B 92 -9.54 -14.62 -15.62
N ASP B 93 -9.67 -15.36 -16.72
CA ASP B 93 -8.53 -15.75 -17.54
C ASP B 93 -8.11 -14.67 -18.52
N LEU B 94 -9.05 -13.80 -18.87
CA LEU B 94 -8.84 -12.87 -19.94
C LEU B 94 -9.40 -11.48 -19.62
N ARG B 95 -8.70 -10.44 -20.07
CA ARG B 95 -9.21 -9.05 -20.00
C ARG B 95 -9.02 -8.50 -21.42
N ARG B 96 -10.14 -8.20 -22.12
CA ARG B 96 -10.05 -7.73 -23.53
C ARG B 96 -9.21 -8.63 -24.43
N GLY B 97 -9.50 -9.91 -24.36
CA GLY B 97 -8.80 -10.92 -25.16
C GLY B 97 -7.39 -11.28 -24.78
N GLN B 98 -6.83 -10.57 -23.80
CA GLN B 98 -5.45 -10.85 -23.39
C GLN B 98 -5.41 -11.52 -22.00
N PRO B 99 -4.48 -12.47 -21.82
CA PRO B 99 -4.37 -13.16 -20.56
C PRO B 99 -4.24 -12.13 -19.41
N THR B 100 -4.90 -12.42 -18.33
CA THR B 100 -4.75 -11.67 -17.08
C THR B 100 -3.35 -11.94 -16.50
N THR B 101 -2.96 -11.18 -15.49
CA THR B 101 -1.55 -11.27 -15.06
C THR B 101 -1.19 -12.60 -14.44
N HIS B 102 -2.09 -13.20 -13.67
CA HIS B 102 -1.75 -14.52 -13.09
C HIS B 102 -1.62 -15.62 -14.20
N ARG B 103 -2.34 -15.41 -15.33
CA ARG B 103 -2.34 -16.39 -16.44
C ARG B 103 -1.08 -16.20 -17.29
N ALA B 104 -0.65 -14.98 -17.47
CA ALA B 104 0.55 -14.65 -18.30
C ALA B 104 1.82 -14.98 -17.55
N PHE B 105 1.82 -14.81 -16.23
CA PHE B 105 2.97 -15.16 -15.40
C PHE B 105 2.66 -16.36 -14.51
N ASP B 106 2.28 -16.11 -13.27
CA ASP B 106 1.79 -17.13 -12.32
C ASP B 106 1.10 -16.37 -11.19
N GLU B 107 0.38 -17.10 -10.34
CA GLU B 107 -0.47 -16.50 -9.33
C GLU B 107 0.35 -15.74 -8.27
N ALA B 108 1.43 -16.34 -7.80
CA ALA B 108 2.31 -15.63 -6.80
C ALA B 108 2.87 -14.32 -7.34
N THR B 109 3.29 -14.36 -8.59
CA THR B 109 3.93 -13.19 -9.19
C THR B 109 2.87 -12.13 -9.37
N ALA B 110 1.65 -12.53 -9.72
CA ALA B 110 0.55 -11.55 -9.84
C ALA B 110 0.22 -10.86 -8.51
N ILE B 111 0.11 -11.66 -7.45
CA ILE B 111 -0.14 -11.15 -6.12
C ILE B 111 0.91 -10.13 -5.71
N LEU B 112 2.18 -10.49 -5.89
CA LEU B 112 3.28 -9.62 -5.55
C LEU B 112 3.41 -8.37 -6.39
N ALA B 113 3.20 -8.50 -7.70
CA ALA B 113 3.30 -7.35 -8.56
C ALA B 113 2.29 -6.32 -8.16
N ALA B 114 1.07 -6.75 -7.95
CA ALA B 114 0.01 -5.85 -7.58
C ALA B 114 0.28 -5.26 -6.19
N ASP B 115 0.72 -6.07 -5.24
CA ASP B 115 1.19 -5.52 -3.94
C ASP B 115 2.23 -4.35 -4.12
N GLY B 116 3.17 -4.52 -5.07
CA GLY B 116 4.20 -3.55 -5.34
C GLY B 116 3.62 -2.35 -6.04
N LEU B 117 2.58 -2.55 -6.82
CA LEU B 117 1.90 -1.41 -7.47
C LEU B 117 1.18 -0.51 -6.48
N GLN B 118 0.55 -1.11 -5.46
CA GLN B 118 -0.05 -0.33 -4.42
C GLN B 118 1.01 0.56 -3.66
N ALA B 119 2.08 -0.05 -3.20
CA ALA B 119 3.15 0.69 -2.65
C ALA B 119 3.65 1.83 -3.51
N LEU B 120 3.79 1.58 -4.81
CA LEU B 120 4.32 2.58 -5.73
C LEU B 120 3.37 3.76 -5.86
N ALA B 121 2.08 3.50 -5.78
CA ALA B 121 1.06 4.61 -5.82
C ALA B 121 1.34 5.61 -4.75
N PHE B 122 1.65 5.11 -3.55
CA PHE B 122 1.99 5.99 -2.42
C PHE B 122 3.37 6.58 -2.56
N GLU B 123 4.30 5.79 -3.05
CA GLU B 123 5.65 6.32 -3.24
C GLU B 123 5.57 7.56 -4.16
N VAL B 124 4.84 7.47 -5.26
CA VAL B 124 4.78 8.57 -6.23
C VAL B 124 4.18 9.86 -5.70
N LEU B 125 3.14 9.76 -4.88
CA LEU B 125 2.59 10.89 -4.18
C LEU B 125 3.49 11.54 -3.11
N ALA B 126 4.29 10.73 -2.43
CA ALA B 126 5.15 11.23 -1.36
C ALA B 126 6.46 11.81 -1.85
N ASP B 127 6.77 11.58 -3.12
CA ASP B 127 8.01 11.94 -3.78
C ASP B 127 7.86 13.40 -4.21
N THR B 128 8.53 14.30 -3.54
CA THR B 128 8.27 15.73 -3.78
C THR B 128 8.90 16.22 -5.09
N ARG B 129 9.66 15.39 -5.78
CA ARG B 129 10.12 15.68 -7.12
C ARG B 129 9.02 15.32 -8.15
N ARG B 130 8.48 14.10 -8.10
CA ARG B 130 7.45 13.70 -9.01
C ARG B 130 6.14 14.42 -8.72
N ASN B 131 5.90 14.80 -7.45
CA ASN B 131 4.62 15.41 -6.99
C ASN B 131 4.91 16.69 -6.26
N PRO B 132 5.32 17.73 -7.01
CA PRO B 132 5.97 18.89 -6.36
C PRO B 132 4.99 19.96 -5.84
N GLN B 133 4.03 19.56 -5.03
CA GLN B 133 3.05 20.44 -4.39
C GLN B 133 3.64 20.88 -3.08
N GLU B 134 2.97 21.78 -2.39
CA GLU B 134 3.31 22.14 -1.04
C GLU B 134 3.14 20.89 -0.19
N HIS B 135 3.99 20.77 0.80
CA HIS B 135 4.08 19.52 1.53
C HIS B 135 2.80 19.16 2.20
N ALA B 136 2.07 20.15 2.69
CA ALA B 136 0.81 19.88 3.36
C ALA B 136 -0.22 19.25 2.39
N VAL B 137 -0.14 19.68 1.14
CA VAL B 137 -1.01 19.24 0.07
C VAL B 137 -0.61 17.81 -0.34
N CYS B 138 0.68 17.54 -0.40
CA CYS B 138 1.16 16.19 -0.72
C CYS B 138 0.58 15.25 0.32
N LEU B 139 0.62 15.63 1.59
CA LEU B 139 0.09 14.79 2.64
C LEU B 139 -1.39 14.58 2.58
N GLU B 140 -2.15 15.63 2.31
CA GLU B 140 -3.59 15.48 2.08
C GLU B 140 -3.93 14.56 0.88
N MET B 141 -3.16 14.64 -0.19
CA MET B 141 -3.34 13.74 -1.35
C MET B 141 -3.11 12.28 -0.97
N LEU B 142 -2.06 12.06 -0.19
CA LEU B 142 -1.78 10.74 0.38
C LEU B 142 -2.87 10.20 1.29
N THR B 143 -3.29 11.02 2.24
CA THR B 143 -4.42 10.69 3.10
C THR B 143 -5.67 10.33 2.38
N ARG B 144 -6.06 11.16 1.43
CA ARG B 144 -7.25 10.90 0.66
C ARG B 144 -7.15 9.60 -0.18
N LEU B 145 -6.02 9.36 -0.85
CA LEU B 145 -5.87 8.14 -1.60
C LEU B 145 -5.87 6.88 -0.70
N ALA B 146 -5.23 6.97 0.45
CA ALA B 146 -5.13 5.86 1.34
C ALA B 146 -6.48 5.50 1.88
N ARG B 147 -7.28 6.49 2.29
CA ARG B 147 -8.65 6.22 2.75
C ARG B 147 -9.54 5.62 1.63
N ALA B 148 -9.38 6.17 0.44
CA ALA B 148 -10.22 5.77 -0.68
C ALA B 148 -9.83 4.38 -1.18
N ALA B 149 -8.58 4.03 -1.05
CA ALA B 149 -8.13 2.74 -1.59
C ALA B 149 -8.34 1.61 -0.62
N GLY B 150 -8.42 1.93 0.68
CA GLY B 150 -8.43 0.91 1.66
C GLY B 150 -9.75 0.28 2.03
N SER B 151 -9.79 -0.19 3.26
CA SER B 151 -10.89 -1.02 3.73
C SER B 151 -12.12 -0.14 3.99
N ALA B 152 -11.94 1.19 4.05
CA ALA B 152 -13.13 2.03 4.16
C ALA B 152 -13.63 2.51 2.83
N GLY B 153 -12.95 2.11 1.74
CA GLY B 153 -13.24 2.58 0.41
C GLY B 153 -13.26 1.36 -0.49
N MET B 154 -12.41 1.38 -1.51
CA MET B 154 -12.37 0.39 -2.58
C MET B 154 -12.29 -1.04 -2.08
N VAL B 155 -11.36 -1.30 -1.18
CA VAL B 155 -11.22 -2.70 -0.66
C VAL B 155 -12.46 -3.04 0.11
N GLY B 156 -13.01 -2.08 0.85
CA GLY B 156 -14.27 -2.33 1.58
C GLY B 156 -15.40 -2.69 0.66
N GLY B 157 -15.46 -2.02 -0.46
CA GLY B 157 -16.47 -2.29 -1.47
C GLY B 157 -16.38 -3.69 -1.99
N GLN B 158 -15.17 -4.15 -2.22
CA GLN B 158 -14.93 -5.51 -2.65
C GLN B 158 -15.40 -6.56 -1.64
N ALA B 159 -15.22 -6.27 -0.35
CA ALA B 159 -15.74 -7.09 0.75
C ALA B 159 -17.26 -7.05 0.86
N ILE B 160 -17.86 -5.89 0.64
CA ILE B 160 -19.30 -5.82 0.65
C ILE B 160 -19.85 -6.71 -0.43
N ASP B 161 -19.23 -6.60 -1.59
CA ASP B 161 -19.63 -7.41 -2.75
C ASP B 161 -19.59 -8.92 -2.42
N LEU B 162 -18.44 -9.42 -1.98
CA LEU B 162 -18.37 -10.85 -1.67
C LEU B 162 -19.34 -11.22 -0.55
N GLY B 163 -19.60 -10.31 0.37
CA GLY B 163 -20.49 -10.59 1.46
C GLY B 163 -21.95 -10.48 1.07
N SER B 164 -22.26 -10.13 -0.17
CA SER B 164 -23.66 -10.04 -0.63
C SER B 164 -24.12 -11.17 -1.64
N VAL B 165 -23.20 -12.01 -2.11
CA VAL B 165 -23.57 -13.19 -2.93
C VAL B 165 -24.72 -13.98 -2.28
N GLY B 166 -25.73 -14.37 -3.06
CA GLY B 166 -26.89 -15.09 -2.51
C GLY B 166 -27.92 -14.23 -1.77
N VAL B 167 -27.54 -13.01 -1.39
CA VAL B 167 -28.51 -12.00 -0.95
C VAL B 167 -29.01 -11.31 -2.22
N ALA B 168 -30.30 -10.98 -2.25
CA ALA B 168 -30.89 -10.20 -3.36
C ALA B 168 -30.89 -8.72 -2.95
N LEU B 169 -29.95 -7.94 -3.48
CA LEU B 169 -29.76 -6.58 -2.96
C LEU B 169 -30.88 -5.69 -3.46
N ASP B 170 -31.29 -4.72 -2.65
CA ASP B 170 -32.18 -3.68 -3.12
C ASP B 170 -31.29 -2.54 -3.65
N GLN B 171 -31.92 -1.54 -4.26
CA GLN B 171 -31.15 -0.46 -4.90
C GLN B 171 -30.24 0.24 -3.88
N ALA B 172 -30.75 0.52 -2.69
CA ALA B 172 -29.93 1.26 -1.71
C ALA B 172 -28.67 0.46 -1.36
N ALA B 173 -28.80 -0.85 -1.29
CA ALA B 173 -27.67 -1.68 -0.91
C ALA B 173 -26.68 -1.82 -2.04
N LEU B 174 -27.21 -1.87 -3.25
CA LEU B 174 -26.41 -1.90 -4.43
C LEU B 174 -25.56 -0.62 -4.54
N GLU B 175 -26.18 0.54 -4.29
CA GLU B 175 -25.49 1.80 -4.34
C GLU B 175 -24.42 1.93 -3.22
N VAL B 176 -24.69 1.37 -2.04
CA VAL B 176 -23.67 1.34 -0.98
C VAL B 176 -22.42 0.58 -1.51
N MET B 177 -22.66 -0.54 -2.18
CA MET B 177 -21.57 -1.36 -2.71
CA MET B 177 -21.59 -1.33 -2.70
C MET B 177 -20.81 -0.57 -3.77
N HIS B 178 -21.53 -0.03 -4.74
CA HIS B 178 -20.87 0.75 -5.79
C HIS B 178 -20.11 1.96 -5.25
N ARG B 179 -20.67 2.68 -4.30
CA ARG B 179 -20.00 3.90 -3.77
C ARG B 179 -18.67 3.55 -3.16
N HIS B 180 -18.62 2.37 -2.56
CA HIS B 180 -17.34 1.90 -1.99
C HIS B 180 -16.44 1.37 -3.08
N LYS B 181 -16.94 0.43 -3.89
CA LYS B 181 -16.07 -0.39 -4.71
C LYS B 181 -15.47 0.45 -5.83
N THR B 182 -16.26 1.35 -6.42
CA THR B 182 -15.76 2.18 -7.50
C THR B 182 -15.85 3.69 -7.20
N GLY B 183 -16.87 4.10 -6.43
CA GLY B 183 -17.04 5.54 -6.14
C GLY B 183 -15.89 6.19 -5.38
N ALA B 184 -15.34 5.50 -4.37
CA ALA B 184 -14.32 6.12 -3.54
C ALA B 184 -13.12 6.56 -4.35
N LEU B 185 -12.70 5.71 -5.28
CA LEU B 185 -11.52 5.98 -6.06
C LEU B 185 -11.76 7.05 -7.15
N ILE B 186 -12.92 7.00 -7.79
CA ILE B 186 -13.32 8.07 -8.72
C ILE B 186 -13.30 9.43 -8.02
N GLU B 187 -13.91 9.49 -6.84
CA GLU B 187 -13.93 10.70 -6.00
C GLU B 187 -12.54 11.16 -5.63
N ALA B 188 -11.67 10.19 -5.32
CA ALA B 188 -10.28 10.54 -4.97
C ALA B 188 -9.51 11.04 -6.16
N SER B 189 -9.86 10.57 -7.35
CA SER B 189 -9.17 11.03 -8.55
C SER B 189 -9.43 12.52 -8.79
N VAL B 190 -10.68 12.91 -8.64
CA VAL B 190 -11.12 14.29 -8.77
C VAL B 190 -10.49 15.11 -7.65
N ARG B 191 -10.52 14.61 -6.42
CA ARG B 191 -9.99 15.35 -5.26
C ARG B 191 -8.51 15.58 -5.40
N LEU B 192 -7.77 14.56 -5.83
CA LEU B 192 -6.33 14.70 -5.95
C LEU B 192 -5.93 15.66 -7.11
N GLY B 193 -6.63 15.59 -8.24
CA GLY B 193 -6.44 16.57 -9.29
C GLY B 193 -6.67 18.01 -8.86
N ALA B 194 -7.74 18.21 -8.15
CA ALA B 194 -8.12 19.50 -7.63
C ALA B 194 -7.04 20.05 -6.66
N LEU B 195 -6.56 19.18 -5.77
CA LEU B 195 -5.48 19.53 -4.87
C LEU B 195 -4.22 19.89 -5.62
N ALA B 196 -3.91 19.15 -6.69
CA ALA B 196 -2.73 19.47 -7.50
C ALA B 196 -2.78 20.81 -8.20
N SER B 197 -3.98 21.38 -8.32
CA SER B 197 -4.14 22.65 -9.05
C SER B 197 -3.42 23.79 -8.34
N GLY B 198 -3.24 23.62 -7.04
CA GLY B 198 -2.67 24.65 -6.20
C GLY B 198 -3.69 25.73 -5.92
N ARG B 199 -4.95 25.55 -6.34
CA ARG B 199 -6.01 26.53 -6.09
C ARG B 199 -7.25 25.97 -5.38
N ALA B 200 -7.15 24.80 -4.77
CA ALA B 200 -8.32 24.22 -4.13
C ALA B 200 -8.84 25.12 -3.01
N GLU B 201 -10.15 25.11 -2.78
CA GLU B 201 -10.73 25.74 -1.61
C GLU B 201 -11.83 24.79 -1.20
N PRO B 202 -12.30 24.89 0.04
CA PRO B 202 -13.31 23.96 0.51
C PRO B 202 -14.62 23.95 -0.30
N ALA B 203 -15.08 25.11 -0.73
CA ALA B 203 -16.31 25.14 -1.50
C ALA B 203 -16.14 24.43 -2.83
N SER B 204 -15.08 24.75 -3.57
CA SER B 204 -14.84 24.13 -4.88
C SER B 204 -14.58 22.60 -4.70
N LEU B 205 -13.88 22.20 -3.63
CA LEU B 205 -13.70 20.77 -3.36
C LEU B 205 -15.01 20.04 -3.11
N ALA B 206 -15.89 20.64 -2.34
CA ALA B 206 -17.17 20.01 -2.04
C ALA B 206 -18.02 19.85 -3.30
N ALA B 207 -17.98 20.85 -4.17
CA ALA B 207 -18.74 20.82 -5.42
C ALA B 207 -18.20 19.74 -6.36
N LEU B 208 -16.86 19.67 -6.48
CA LEU B 208 -16.27 18.63 -7.28
C LEU B 208 -16.60 17.24 -6.69
N GLU B 209 -16.74 17.14 -5.37
CA GLU B 209 -17.06 15.85 -4.78
C GLU B 209 -18.47 15.42 -5.19
N ARG B 210 -19.39 16.40 -5.22
CA ARG B 210 -20.76 16.12 -5.67
C ARG B 210 -20.76 15.67 -7.12
N TYR B 211 -19.95 16.32 -7.91
CA TYR B 211 -19.78 15.92 -9.32
C TYR B 211 -19.35 14.47 -9.43
N ALA B 212 -18.32 14.15 -8.65
CA ALA B 212 -17.72 12.78 -8.71
C ALA B 212 -18.67 11.68 -8.24
N GLU B 213 -19.43 11.96 -7.22
CA GLU B 213 -20.44 11.03 -6.69
C GLU B 213 -21.42 10.71 -7.80
N ALA B 214 -21.86 11.75 -8.49
CA ALA B 214 -22.81 11.61 -9.54
C ALA B 214 -22.26 10.82 -10.68
N ILE B 215 -21.11 11.20 -11.21
CA ILE B 215 -20.63 10.49 -12.38
C ILE B 215 -20.17 9.03 -12.09
N GLY B 216 -19.70 8.76 -10.89
CA GLY B 216 -19.31 7.39 -10.48
C GLY B 216 -20.46 6.39 -10.57
N LEU B 217 -21.59 6.80 -10.03
CA LEU B 217 -22.80 6.03 -10.18
C LEU B 217 -23.24 6.00 -11.63
N ALA B 218 -23.21 7.15 -12.30
CA ALA B 218 -23.69 7.18 -13.68
C ALA B 218 -22.94 6.17 -14.58
N PHE B 219 -21.63 6.00 -14.33
CA PHE B 219 -20.79 5.02 -15.04
C PHE B 219 -21.38 3.62 -14.88
N GLN B 220 -21.73 3.28 -13.66
CA GLN B 220 -22.23 1.92 -13.35
C GLN B 220 -23.60 1.69 -13.99
N VAL B 221 -24.45 2.70 -13.91
CA VAL B 221 -25.80 2.55 -14.45
C VAL B 221 -25.68 2.33 -15.95
N GLN B 222 -24.91 3.19 -16.58
CA GLN B 222 -24.79 3.14 -18.00
C GLN B 222 -24.10 1.83 -18.44
N ASP B 223 -23.14 1.35 -17.66
CA ASP B 223 -22.50 0.06 -17.98
C ASP B 223 -23.55 -1.05 -18.06
N ASP B 224 -24.45 -1.08 -17.09
CA ASP B 224 -25.49 -2.10 -17.03
C ASP B 224 -26.43 -1.96 -18.25
N ILE B 225 -26.74 -0.72 -18.62
CA ILE B 225 -27.61 -0.46 -19.74
C ILE B 225 -26.98 -0.95 -21.04
N LEU B 226 -25.69 -0.66 -21.23
CA LEU B 226 -24.97 -1.13 -22.43
C LEU B 226 -24.84 -2.65 -22.48
N ASP B 227 -24.75 -3.30 -21.32
CA ASP B 227 -24.73 -4.77 -21.29
C ASP B 227 -26.03 -5.35 -21.87
N VAL B 228 -27.17 -4.74 -21.55
CA VAL B 228 -28.46 -5.16 -22.11
C VAL B 228 -28.54 -4.73 -23.58
N GLU B 229 -28.41 -3.43 -23.85
CA GLU B 229 -28.41 -2.90 -25.23
C GLU B 229 -27.27 -3.51 -26.04
N PRO B 248 -27.79 -8.80 -10.21
CA PRO B 248 -28.47 -7.63 -9.59
C PRO B 248 -28.07 -6.29 -10.26
N THR B 249 -28.71 -5.93 -11.37
CA THR B 249 -28.27 -4.77 -12.18
C THR B 249 -29.30 -3.64 -12.13
N TYR B 250 -28.91 -2.47 -12.61
CA TYR B 250 -29.89 -1.36 -12.60
C TYR B 250 -31.13 -1.63 -13.48
N PRO B 251 -30.94 -2.14 -14.69
CA PRO B 251 -32.12 -2.51 -15.48
C PRO B 251 -32.96 -3.61 -14.83
N ALA B 252 -32.33 -4.58 -14.17
CA ALA B 252 -33.11 -5.66 -13.58
C ALA B 252 -33.96 -5.13 -12.41
N LEU B 253 -33.44 -4.13 -11.69
CA LEU B 253 -34.16 -3.62 -10.54
C LEU B 253 -35.29 -2.72 -10.97
N LEU B 254 -34.97 -1.88 -11.94
CA LEU B 254 -35.76 -0.73 -12.22
C LEU B 254 -36.59 -0.93 -13.49
N GLY B 255 -36.15 -1.84 -14.36
CA GLY B 255 -36.61 -1.88 -15.77
C GLY B 255 -35.67 -0.99 -16.60
N LEU B 256 -35.52 -1.32 -17.86
CA LEU B 256 -34.51 -0.71 -18.72
C LEU B 256 -34.76 0.79 -18.88
N GLU B 257 -36.02 1.16 -18.98
CA GLU B 257 -36.39 2.52 -19.23
C GLU B 257 -36.16 3.41 -18.02
N ALA B 258 -36.57 2.97 -16.85
CA ALA B 258 -36.31 3.77 -15.68
C ALA B 258 -34.80 3.89 -15.37
N ALA B 259 -34.03 2.89 -15.78
CA ALA B 259 -32.60 2.91 -15.54
C ALA B 259 -32.00 4.00 -16.40
N LYS B 260 -32.47 4.05 -17.64
CA LYS B 260 -32.01 5.07 -18.57
C LYS B 260 -32.34 6.46 -18.05
N GLY B 261 -33.56 6.61 -17.55
CA GLY B 261 -33.95 7.91 -16.89
C GLY B 261 -33.09 8.31 -15.71
N TYR B 262 -32.72 7.31 -14.90
CA TYR B 262 -31.85 7.50 -13.77
C TYR B 262 -30.43 7.98 -14.20
N ALA B 263 -29.90 7.41 -15.28
CA ALA B 263 -28.61 7.85 -15.79
C ALA B 263 -28.63 9.34 -16.19
N LEU B 264 -29.69 9.75 -16.88
CA LEU B 264 -29.90 11.19 -17.21
C LEU B 264 -30.00 12.03 -15.94
N GLU B 265 -30.70 11.54 -14.91
CA GLU B 265 -30.75 12.27 -13.62
C GLU B 265 -29.37 12.49 -13.00
N LEU B 266 -28.52 11.48 -13.16
CA LEU B 266 -27.18 11.54 -12.58
C LEU B 266 -26.34 12.55 -13.35
N ARG B 267 -26.49 12.53 -14.68
CA ARG B 267 -25.76 13.49 -15.50
C ARG B 267 -26.16 14.92 -15.11
N ASP B 268 -27.45 15.12 -14.90
CA ASP B 268 -27.96 16.45 -14.47
C ASP B 268 -27.40 16.88 -13.12
N LEU B 269 -27.32 15.98 -12.13
CA LEU B 269 -26.69 16.30 -10.82
C LEU B 269 -25.20 16.69 -11.00
N ALA B 270 -24.53 15.97 -11.87
CA ALA B 270 -23.13 16.22 -12.17
C ALA B 270 -22.93 17.66 -12.76
N LEU B 271 -23.78 18.02 -13.73
CA LEU B 271 -23.69 19.31 -14.43
C LEU B 271 -24.05 20.42 -13.45
N ALA B 272 -25.06 20.18 -12.62
CA ALA B 272 -25.46 21.13 -11.62
C ALA B 272 -24.36 21.42 -10.63
N ALA B 273 -23.57 20.41 -10.25
CA ALA B 273 -22.49 20.61 -9.27
C ALA B 273 -21.44 21.53 -9.78
N LEU B 274 -21.36 21.64 -11.10
CA LEU B 274 -20.35 22.49 -11.72
C LEU B 274 -20.85 23.92 -11.96
N ASP B 275 -22.05 24.22 -11.45
CA ASP B 275 -22.56 25.57 -11.51
C ASP B 275 -21.52 26.57 -10.98
N GLY B 276 -21.21 27.61 -11.76
CA GLY B 276 -20.31 28.64 -11.28
C GLY B 276 -18.87 28.41 -11.70
N PHE B 277 -18.56 27.22 -12.21
CA PHE B 277 -17.21 26.96 -12.67
C PHE B 277 -16.97 27.64 -14.01
N PRO B 278 -15.72 28.04 -14.27
CA PRO B 278 -15.36 28.63 -15.54
C PRO B 278 -15.29 27.66 -16.71
N PRO B 279 -15.08 28.18 -17.93
CA PRO B 279 -14.96 27.34 -19.08
C PRO B 279 -13.91 26.26 -18.95
N SER B 280 -12.91 26.47 -18.11
CA SER B 280 -11.88 25.45 -17.96
C SER B 280 -12.42 24.16 -17.32
N ALA B 281 -13.64 24.18 -16.78
CA ALA B 281 -14.35 22.94 -16.32
C ALA B 281 -15.08 22.22 -17.46
N ASP B 282 -15.03 22.75 -18.67
CA ASP B 282 -15.79 22.12 -19.76
C ASP B 282 -15.45 20.63 -19.97
N PRO B 283 -14.19 20.22 -19.78
CA PRO B 283 -13.89 18.79 -19.90
C PRO B 283 -14.72 17.91 -18.92
N LEU B 284 -14.91 18.36 -17.69
CA LEU B 284 -15.75 17.63 -16.78
C LEU B 284 -17.22 17.63 -17.26
N ARG B 285 -17.69 18.76 -17.81
CA ARG B 285 -19.07 18.79 -18.29
C ARG B 285 -19.22 17.82 -19.45
N GLN B 286 -18.28 17.87 -20.37
CA GLN B 286 -18.30 17.00 -21.53
C GLN B 286 -18.23 15.52 -21.14
N LEU B 287 -17.45 15.19 -20.13
CA LEU B 287 -17.34 13.80 -19.69
C LEU B 287 -18.68 13.35 -19.17
N ALA B 288 -19.35 14.16 -18.35
CA ALA B 288 -20.66 13.78 -17.76
C ALA B 288 -21.69 13.45 -18.83
N ARG B 289 -21.73 14.24 -19.88
CA ARG B 289 -22.56 13.94 -21.06
C ARG B 289 -22.13 12.70 -21.81
N TYR B 290 -20.84 12.56 -22.02
CA TYR B 290 -20.33 11.39 -22.72
C TYR B 290 -20.77 10.03 -22.07
N ILE B 291 -20.66 9.98 -20.76
CA ILE B 291 -21.00 8.77 -20.00
C ILE B 291 -22.40 8.28 -20.35
N VAL B 292 -23.36 9.19 -20.52
CA VAL B 292 -24.71 8.75 -20.76
C VAL B 292 -25.10 8.95 -22.22
O 6H6 C . 9.53 -13.42 23.20
N1 6H6 C . 12.55 -11.81 23.46
O1 6H6 C . 13.57 -11.33 25.45
C2 6H6 C . 13.25 -11.05 24.29
O2 6H6 C . 13.55 -9.87 23.64
C3 6H6 C . 13.05 -9.91 22.39
C4 6H6 C . 13.11 -9.03 21.31
C5 6H6 C . 12.48 -9.33 20.11
C6 6H6 C . 11.83 -10.55 19.99
C7 6H6 C . 11.80 -11.45 21.07
C8 6H6 C . 12.41 -11.16 22.28
C9 6H6 C . 12.02 -13.15 23.77
C10 6H6 C . 11.03 -13.11 24.96
C11 6H6 C . 9.63 -13.08 24.41
OXT 6H6 C . 8.69 -12.68 25.16
O 6H6 D . 9.67 -11.31 12.38
N1 6H6 D . 13.08 -11.49 14.40
O1 6H6 D . 12.64 -12.04 16.57
C2 6H6 D . 13.28 -11.40 15.73
O2 6H6 D . 14.31 -10.51 16.01
C3 6H6 D . 14.72 -10.05 14.78
C4 6H6 D . 15.71 -9.17 14.43
C5 6H6 D . 15.93 -8.88 13.10
C6 6H6 D . 15.15 -9.51 12.14
C7 6H6 D . 14.14 -10.39 12.46
C8 6H6 D . 13.94 -10.67 13.78
C9 6H6 D . 12.09 -12.33 13.65
C10 6H6 D . 10.68 -12.36 14.23
C11 6H6 D . 9.77 -11.34 13.59
OXT 6H6 D . 9.13 -10.62 14.35
S DMS E . 8.14 -12.24 4.00
O DMS E . 6.72 -12.29 4.56
C1 DMS E . 9.38 -12.53 5.16
C2 DMS E . 8.26 -10.59 3.56
O 6H6 F . -12.91 4.25 -26.95
N1 6H6 F . -13.89 7.78 -25.10
O1 6H6 F . -14.36 9.40 -26.59
C2 6H6 F . -14.15 9.02 -25.44
O2 6H6 F . -14.17 9.79 -24.34
C3 6H6 F . -13.92 8.98 -23.27
C4 6H6 F . -13.81 9.24 -21.90
C5 6H6 F . -13.56 8.22 -21.00
C6 6H6 F . -13.41 6.91 -21.50
C7 6H6 F . -13.51 6.65 -22.88
C8 6H6 F . -13.75 7.70 -23.77
C9 6H6 F . -13.86 6.66 -26.07
C10 6H6 F . -12.60 6.65 -26.94
C11 6H6 F . -12.10 5.19 -27.10
OXT 6H6 F . -10.88 5.05 -27.34
CL CL G . -25.67 13.98 -23.30
#